data_2BBP
#
_entry.id   2BBP
#
_cell.length_a   1.000
_cell.length_b   1.000
_cell.length_c   1.000
_cell.angle_alpha   90.00
_cell.angle_beta   90.00
_cell.angle_gamma   90.00
#
_symmetry.space_group_name_H-M   'P 1'
#
_entity_poly.entity_id   1
_entity_poly.type   'polypeptide(L)'
_entity_poly.pdbx_seq_one_letter_code
;GAYTGLPNKKPNVPTIRTAKVQ
;
_entity_poly.pdbx_strand_id   A
#
# COMPACT_ATOMS: atom_id res chain seq x y z
N GLY A 1 6.51 8.07 3.66
CA GLY A 1 6.21 7.15 2.58
C GLY A 1 4.94 7.56 1.84
N ALA A 2 3.90 6.75 2.02
CA ALA A 2 2.62 7.02 1.38
C ALA A 2 1.52 6.30 2.16
N TYR A 3 1.62 4.98 2.21
CA TYR A 3 0.64 4.18 2.92
C TYR A 3 -0.78 4.56 2.50
N THR A 4 -1.27 3.87 1.49
CA THR A 4 -2.62 4.12 0.99
C THR A 4 -3.38 2.81 0.81
N GLY A 5 -4.66 2.85 1.14
CA GLY A 5 -5.50 1.68 1.01
C GLY A 5 -5.09 0.60 2.02
N LEU A 6 -5.74 0.63 3.18
CA LEU A 6 -5.45 -0.33 4.22
C LEU A 6 -6.76 -0.78 4.87
N PRO A 7 -7.67 -1.35 4.04
CA PRO A 7 -8.96 -1.82 4.52
C PRO A 7 -8.81 -3.13 5.29
N ASN A 8 -7.69 -3.80 5.05
CA ASN A 8 -7.42 -5.06 5.71
C ASN A 8 -5.96 -5.45 5.47
N LYS A 9 -5.55 -5.35 4.22
CA LYS A 9 -4.18 -5.69 3.85
C LYS A 9 -3.95 -5.30 2.39
N LYS A 10 -2.75 -4.83 2.11
CA LYS A 10 -2.38 -4.44 0.76
C LYS A 10 -3.37 -5.06 -0.23
N PRO A 11 -4.39 -4.25 -0.61
CA PRO A 11 -5.40 -4.72 -1.55
C PRO A 11 -4.85 -4.75 -2.98
N ASN A 12 -4.69 -3.57 -3.55
CA ASN A 12 -4.17 -3.46 -4.90
C ASN A 12 -2.70 -3.03 -4.85
N VAL A 13 -2.37 -2.27 -3.82
CA VAL A 13 -1.02 -1.80 -3.63
C VAL A 13 -0.08 -3.00 -3.43
N PRO A 14 1.25 -2.73 -3.62
CA PRO A 14 2.24 -3.77 -3.46
C PRO A 14 2.47 -4.10 -1.99
N THR A 15 2.82 -3.06 -1.24
CA THR A 15 3.07 -3.23 0.19
C THR A 15 2.84 -1.90 0.92
N ILE A 16 1.59 -1.67 1.30
CA ILE A 16 1.22 -0.46 2.01
C ILE A 16 1.94 0.73 1.36
N ARG A 17 1.89 0.76 0.04
CA ARG A 17 2.52 1.84 -0.71
C ARG A 17 3.81 2.28 0.00
N THR A 18 4.83 1.43 -0.11
CA THR A 18 6.11 1.73 0.51
C THR A 18 7.25 1.09 -0.29
N ALA A 19 6.96 -0.08 -0.81
CA ALA A 19 7.95 -0.81 -1.60
C ALA A 19 8.01 -0.22 -3.01
N LYS A 20 6.86 -0.17 -3.65
CA LYS A 20 6.77 0.37 -4.99
C LYS A 20 5.63 1.38 -5.06
N VAL A 21 5.93 2.58 -4.59
CA VAL A 21 4.95 3.65 -4.59
C VAL A 21 4.57 4.00 -6.03
N GLN A 22 5.58 3.97 -6.88
CA GLN A 22 5.37 4.29 -8.29
C GLN A 22 4.54 3.19 -8.96
N GLY A 1 6.18 5.77 3.18
CA GLY A 1 5.01 5.86 4.05
C GLY A 1 3.87 6.63 3.36
N ALA A 2 3.26 5.98 2.39
CA ALA A 2 2.17 6.59 1.65
C ALA A 2 0.88 5.82 1.93
N TYR A 3 1.05 4.61 2.43
CA TYR A 3 -0.08 3.76 2.74
C TYR A 3 -1.37 4.32 2.14
N THR A 4 -1.65 3.89 0.92
CA THR A 4 -2.84 4.34 0.23
C THR A 4 -3.83 3.19 0.05
N GLY A 5 -4.46 2.82 1.16
CA GLY A 5 -5.43 1.73 1.15
C GLY A 5 -5.02 0.62 2.11
N LEU A 6 -5.59 0.68 3.31
CA LEU A 6 -5.30 -0.32 4.32
C LEU A 6 -6.60 -0.74 5.02
N PRO A 7 -7.53 -1.28 4.19
CA PRO A 7 -8.82 -1.72 4.69
C PRO A 7 -8.67 -3.05 5.46
N ASN A 8 -7.59 -3.75 5.15
CA ASN A 8 -7.33 -5.04 5.79
C ASN A 8 -5.89 -5.46 5.50
N LYS A 9 -5.52 -5.35 4.23
CA LYS A 9 -4.17 -5.72 3.81
C LYS A 9 -3.96 -5.27 2.37
N LYS A 10 -2.72 -4.90 2.08
CA LYS A 10 -2.36 -4.45 0.75
C LYS A 10 -3.39 -4.97 -0.26
N PRO A 11 -4.37 -4.09 -0.60
CA PRO A 11 -5.40 -4.46 -1.54
C PRO A 11 -4.87 -4.47 -2.98
N ASN A 12 -4.60 -3.28 -3.49
CA ASN A 12 -4.09 -3.14 -4.84
C ASN A 12 -2.61 -2.75 -4.78
N VAL A 13 -2.26 -2.07 -3.69
CA VAL A 13 -0.88 -1.64 -3.50
C VAL A 13 0.03 -2.87 -3.40
N PRO A 14 1.35 -2.63 -3.60
CA PRO A 14 2.33 -3.70 -3.53
C PRO A 14 2.58 -4.12 -2.08
N THR A 15 2.98 -3.14 -1.28
CA THR A 15 3.26 -3.41 0.13
C THR A 15 2.99 -2.15 0.96
N ILE A 16 1.74 -2.00 1.36
CA ILE A 16 1.34 -0.86 2.17
C ILE A 16 1.89 0.42 1.53
N ARG A 17 1.93 0.41 0.20
CA ARG A 17 2.42 1.55 -0.54
C ARG A 17 3.65 2.15 0.15
N THR A 18 4.71 1.35 0.18
CA THR A 18 5.95 1.78 0.80
C THR A 18 7.16 1.26 0.02
N ALA A 19 6.99 0.04 -0.51
CA ALA A 19 8.05 -0.58 -1.28
C ALA A 19 8.15 0.10 -2.66
N LYS A 20 7.03 0.09 -3.36
CA LYS A 20 6.98 0.70 -4.68
C LYS A 20 5.88 1.76 -4.70
N VAL A 21 6.21 2.92 -4.13
CA VAL A 21 5.26 4.02 -4.08
C VAL A 21 4.94 4.47 -5.51
N GLN A 22 5.97 4.45 -6.34
CA GLN A 22 5.81 4.87 -7.73
C GLN A 22 4.93 3.85 -8.48
N GLY A 1 7.14 7.10 2.52
CA GLY A 1 6.19 6.21 1.87
C GLY A 1 4.87 6.93 1.57
N ALA A 2 3.86 6.16 1.24
CA ALA A 2 2.56 6.70 0.92
C ALA A 2 1.51 6.08 1.85
N TYR A 3 1.60 4.76 2.00
CA TYR A 3 0.66 4.05 2.85
C TYR A 3 -0.78 4.44 2.54
N THR A 4 -1.28 3.92 1.42
CA THR A 4 -2.64 4.20 1.01
C THR A 4 -3.41 2.90 0.79
N GLY A 5 -4.67 2.93 1.19
CA GLY A 5 -5.53 1.75 1.04
C GLY A 5 -5.11 0.64 2.01
N LEU A 6 -5.71 0.69 3.19
CA LEU A 6 -5.42 -0.30 4.20
C LEU A 6 -6.71 -0.69 4.92
N PRO A 7 -7.66 -1.24 4.14
CA PRO A 7 -8.94 -1.66 4.68
C PRO A 7 -8.81 -2.96 5.49
N ASN A 8 -7.74 -3.69 5.19
CA ASN A 8 -7.47 -4.94 5.88
C ASN A 8 -6.06 -5.41 5.55
N LYS A 9 -5.72 -5.34 4.27
CA LYS A 9 -4.41 -5.75 3.81
C LYS A 9 -4.22 -5.33 2.36
N LYS A 10 -3.00 -4.90 2.05
CA LYS A 10 -2.69 -4.46 0.70
C LYS A 10 -3.66 -5.12 -0.29
N PRO A 11 -4.71 -4.32 -0.66
CA PRO A 11 -5.70 -4.81 -1.59
C PRO A 11 -5.16 -4.84 -3.02
N ASN A 12 -4.09 -4.08 -3.22
CA ASN A 12 -3.46 -4.02 -4.53
C ASN A 12 -2.13 -3.28 -4.42
N VAL A 13 -2.16 -2.19 -3.67
CA VAL A 13 -0.95 -1.39 -3.48
C VAL A 13 0.23 -2.32 -3.21
N PRO A 14 1.41 -1.92 -3.74
CA PRO A 14 2.62 -2.70 -3.56
C PRO A 14 3.18 -2.54 -2.15
N THR A 15 2.85 -3.51 -1.31
CA THR A 15 3.31 -3.49 0.07
C THR A 15 2.89 -2.19 0.75
N ILE A 16 1.63 -2.15 1.15
CA ILE A 16 1.10 -0.97 1.82
C ILE A 16 1.66 0.29 1.16
N ARG A 17 1.65 0.28 -0.17
CA ARG A 17 2.15 1.40 -0.93
C ARG A 17 3.38 2.00 -0.24
N THR A 18 4.47 1.25 -0.28
CA THR A 18 5.71 1.68 0.33
C THR A 18 6.91 1.14 -0.45
N ALA A 19 6.68 0.01 -1.12
CA ALA A 19 7.74 -0.62 -1.90
C ALA A 19 7.96 0.18 -3.18
N LYS A 20 6.94 0.24 -4.01
CA LYS A 20 7.02 0.97 -5.26
C LYS A 20 6.38 2.34 -5.09
N VAL A 21 5.77 2.54 -3.93
CA VAL A 21 5.12 3.80 -3.63
C VAL A 21 4.21 4.20 -4.79
N GLN A 22 3.38 3.25 -5.20
CA GLN A 22 2.46 3.49 -6.30
C GLN A 22 1.15 2.74 -6.07
N GLY A 1 6.80 6.75 3.56
CA GLY A 1 5.99 5.87 2.75
C GLY A 1 4.79 6.61 2.15
N ALA A 2 3.63 5.99 2.30
CA ALA A 2 2.40 6.58 1.79
C ALA A 2 1.20 5.90 2.44
N TYR A 3 1.21 4.57 2.38
CA TYR A 3 0.13 3.79 2.95
C TYR A 3 -1.24 4.27 2.46
N THR A 4 -1.68 3.66 1.38
CA THR A 4 -2.97 4.02 0.80
C THR A 4 -3.98 2.89 1.00
N GLY A 5 -5.19 3.27 1.36
CA GLY A 5 -6.26 2.31 1.58
C GLY A 5 -6.08 1.60 2.93
N LEU A 6 -5.29 0.54 2.90
CA LEU A 6 -5.03 -0.23 4.11
C LEU A 6 -6.36 -0.56 4.79
N PRO A 7 -7.31 -1.10 3.97
CA PRO A 7 -8.61 -1.48 4.48
C PRO A 7 -8.54 -2.76 5.30
N ASN A 8 -7.48 -3.52 5.06
CA ASN A 8 -7.28 -4.77 5.77
C ASN A 8 -5.87 -5.29 5.48
N LYS A 9 -5.51 -5.28 4.21
CA LYS A 9 -4.20 -5.75 3.79
C LYS A 9 -3.96 -5.35 2.34
N LYS A 10 -2.72 -4.98 2.05
CA LYS A 10 -2.35 -4.59 0.71
C LYS A 10 -3.36 -5.16 -0.29
N PRO A 11 -4.33 -4.30 -0.69
CA PRO A 11 -5.35 -4.71 -1.63
C PRO A 11 -4.79 -4.79 -3.05
N ASN A 12 -4.50 -3.62 -3.60
CA ASN A 12 -3.96 -3.54 -4.95
C ASN A 12 -2.50 -3.10 -4.89
N VAL A 13 -2.19 -2.33 -3.84
CA VAL A 13 -0.84 -1.83 -3.65
C VAL A 13 0.12 -3.01 -3.53
N PRO A 14 1.43 -2.71 -3.72
CA PRO A 14 2.46 -3.74 -3.64
C PRO A 14 2.73 -4.13 -2.18
N THR A 15 3.00 -3.11 -1.37
CA THR A 15 3.29 -3.34 0.04
C THR A 15 2.96 -2.08 0.85
N ILE A 16 1.69 -1.98 1.24
CA ILE A 16 1.23 -0.85 2.02
C ILE A 16 1.84 0.43 1.44
N ARG A 17 1.87 0.51 0.13
CA ARG A 17 2.43 1.66 -0.55
C ARG A 17 3.68 2.16 0.17
N THR A 18 4.70 1.31 0.16
CA THR A 18 5.96 1.65 0.81
C THR A 18 7.14 1.16 -0.04
N ALA A 19 6.95 0.00 -0.66
CA ALA A 19 7.98 -0.58 -1.49
C ALA A 19 8.12 0.24 -2.77
N LYS A 20 7.00 0.40 -3.46
CA LYS A 20 7.00 1.16 -4.70
C LYS A 20 6.00 2.31 -4.58
N VAL A 21 6.44 3.36 -3.91
CA VAL A 21 5.60 4.53 -3.72
C VAL A 21 5.34 5.20 -5.07
N GLN A 22 6.34 5.11 -5.93
CA GLN A 22 6.23 5.71 -7.25
C GLN A 22 5.13 5.02 -8.07
N GLY A 1 6.71 5.22 2.32
CA GLY A 1 5.69 5.32 3.34
C GLY A 1 4.57 6.27 2.92
N ALA A 2 3.77 5.81 1.97
CA ALA A 2 2.67 6.61 1.47
C ALA A 2 1.36 6.12 2.12
N TYR A 3 1.30 4.83 2.37
CA TYR A 3 0.13 4.23 2.97
C TYR A 3 -1.16 4.77 2.35
N THR A 4 -1.59 4.10 1.29
CA THR A 4 -2.79 4.51 0.58
C THR A 4 -3.65 3.27 0.26
N GLY A 5 -4.41 2.86 1.26
CA GLY A 5 -5.28 1.70 1.10
C GLY A 5 -4.91 0.59 2.08
N LEU A 6 -5.53 0.63 3.24
CA LEU A 6 -5.27 -0.36 4.28
C LEU A 6 -6.59 -0.76 4.95
N PRO A 7 -7.53 -1.28 4.11
CA PRO A 7 -8.82 -1.70 4.60
C PRO A 7 -8.72 -3.02 5.38
N ASN A 8 -7.63 -3.73 5.11
CA ASN A 8 -7.40 -5.01 5.77
C ASN A 8 -5.97 -5.47 5.49
N LYS A 9 -5.60 -5.40 4.22
CA LYS A 9 -4.26 -5.81 3.82
C LYS A 9 -4.02 -5.37 2.37
N LYS A 10 -2.78 -5.00 2.09
CA LYS A 10 -2.41 -4.56 0.76
C LYS A 10 -3.42 -5.10 -0.25
N PRO A 11 -4.40 -4.23 -0.62
CA PRO A 11 -5.43 -4.61 -1.57
C PRO A 11 -4.86 -4.64 -3.00
N ASN A 12 -4.62 -3.44 -3.52
CA ASN A 12 -4.08 -3.31 -4.87
C ASN A 12 -2.62 -2.89 -4.79
N VAL A 13 -2.29 -2.21 -3.70
CA VAL A 13 -0.92 -1.74 -3.50
C VAL A 13 0.02 -2.94 -3.39
N PRO A 14 1.33 -2.66 -3.61
CA PRO A 14 2.33 -3.71 -3.54
C PRO A 14 2.63 -4.09 -2.09
N THR A 15 3.01 -3.09 -1.32
CA THR A 15 3.33 -3.30 0.08
C THR A 15 2.97 -2.06 0.91
N ILE A 16 1.71 -2.00 1.31
CA ILE A 16 1.24 -0.88 2.09
C ILE A 16 1.72 0.43 1.46
N ARG A 17 1.79 0.41 0.14
CA ARG A 17 2.23 1.59 -0.60
C ARG A 17 3.52 2.14 0.00
N THR A 18 4.57 1.33 -0.08
CA THR A 18 5.87 1.74 0.45
C THR A 18 6.99 1.22 -0.45
N ALA A 19 6.80 0.01 -0.95
CA ALA A 19 7.80 -0.60 -1.82
C ALA A 19 7.93 0.22 -3.09
N LYS A 20 6.81 0.40 -3.77
CA LYS A 20 6.79 1.17 -5.01
C LYS A 20 5.67 2.22 -4.94
N VAL A 21 4.55 1.88 -5.56
CA VAL A 21 3.40 2.78 -5.57
C VAL A 21 2.14 1.97 -5.89
N GLN A 22 2.16 1.32 -7.04
CA GLN A 22 1.02 0.52 -7.47
C GLN A 22 1.47 -0.92 -7.74
N GLY A 1 3.55 7.86 0.16
CA GLY A 1 2.40 7.73 1.06
C GLY A 1 2.64 6.63 2.08
N ALA A 2 3.02 5.46 1.58
CA ALA A 2 3.27 4.32 2.44
C ALA A 2 2.03 4.02 3.27
N TYR A 3 0.87 4.24 2.67
CA TYR A 3 -0.39 4.00 3.34
C TYR A 3 -1.57 4.42 2.46
N THR A 4 -1.58 3.89 1.24
CA THR A 4 -2.64 4.20 0.30
C THR A 4 -3.60 3.01 0.16
N GLY A 5 -4.45 2.85 1.16
CA GLY A 5 -5.42 1.76 1.14
C GLY A 5 -5.00 0.65 2.12
N LEU A 6 -5.59 0.70 3.30
CA LEU A 6 -5.29 -0.29 4.32
C LEU A 6 -6.58 -0.72 5.01
N PRO A 7 -7.53 -1.24 4.18
CA PRO A 7 -8.81 -1.70 4.70
C PRO A 7 -8.67 -3.02 5.44
N ASN A 8 -7.58 -3.72 5.15
CA ASN A 8 -7.31 -4.99 5.78
C ASN A 8 -5.86 -5.40 5.50
N LYS A 9 -5.49 -5.32 4.22
CA LYS A 9 -4.14 -5.68 3.80
C LYS A 9 -3.93 -5.24 2.36
N LYS A 10 -2.71 -4.83 2.07
CA LYS A 10 -2.35 -4.38 0.73
C LYS A 10 -3.38 -4.92 -0.26
N PRO A 11 -4.36 -4.05 -0.63
CA PRO A 11 -5.40 -4.43 -1.56
C PRO A 11 -4.85 -4.46 -3.00
N ASN A 12 -4.57 -3.28 -3.51
CA ASN A 12 -4.05 -3.16 -4.86
C ASN A 12 -2.57 -2.81 -4.80
N VAL A 13 -2.20 -2.10 -3.74
CA VAL A 13 -0.81 -1.71 -3.55
C VAL A 13 0.05 -2.96 -3.35
N PRO A 14 1.37 -2.78 -3.58
CA PRO A 14 2.31 -3.88 -3.43
C PRO A 14 2.57 -4.19 -1.95
N THR A 15 3.00 -3.16 -1.23
CA THR A 15 3.29 -3.30 0.18
C THR A 15 2.94 -2.01 0.93
N ILE A 16 1.67 -1.89 1.27
CA ILE A 16 1.19 -0.72 1.98
C ILE A 16 1.64 0.54 1.24
N ARG A 17 1.95 0.36 -0.03
CA ARG A 17 2.40 1.47 -0.86
C ARG A 17 3.73 2.02 -0.33
N THR A 18 4.45 1.17 0.38
CA THR A 18 5.73 1.55 0.94
C THR A 18 6.87 1.11 0.02
N ALA A 19 6.61 0.04 -0.71
CA ALA A 19 7.61 -0.50 -1.64
C ALA A 19 7.64 0.36 -2.90
N LYS A 20 6.44 0.63 -3.41
CA LYS A 20 6.32 1.44 -4.63
C LYS A 20 5.58 2.74 -4.29
N VAL A 21 6.30 3.63 -3.61
CA VAL A 21 5.73 4.91 -3.23
C VAL A 21 5.41 5.71 -4.49
N GLN A 22 6.26 5.55 -5.49
CA GLN A 22 6.07 6.26 -6.75
C GLN A 22 5.98 7.76 -6.51
N GLY A 1 6.86 4.56 2.65
CA GLY A 1 5.82 5.55 2.88
C GLY A 1 4.61 4.91 3.58
N ALA A 2 3.85 4.16 2.79
CA ALA A 2 2.67 3.50 3.30
C ALA A 2 1.61 4.55 3.66
N TYR A 3 0.50 4.49 2.95
CA TYR A 3 -0.59 5.43 3.19
C TYR A 3 -1.82 5.05 2.37
N THR A 4 -1.57 4.39 1.25
CA THR A 4 -2.65 3.98 0.37
C THR A 4 -2.93 2.48 0.55
N GLY A 5 -4.21 2.15 0.51
CA GLY A 5 -4.63 0.77 0.66
C GLY A 5 -4.24 0.23 2.04
N LEU A 6 -5.15 0.41 2.99
CA LEU A 6 -4.90 -0.06 4.35
C LEU A 6 -6.24 -0.44 4.99
N PRO A 7 -7.10 -1.10 4.18
CA PRO A 7 -8.41 -1.52 4.67
C PRO A 7 -8.28 -2.75 5.58
N ASN A 8 -7.36 -3.62 5.23
CA ASN A 8 -7.13 -4.83 6.00
C ASN A 8 -5.82 -5.49 5.55
N LYS A 9 -5.54 -5.33 4.26
CA LYS A 9 -4.33 -5.90 3.69
C LYS A 9 -4.13 -5.34 2.28
N LYS A 10 -2.87 -5.10 1.96
CA LYS A 10 -2.53 -4.56 0.65
C LYS A 10 -3.55 -5.05 -0.38
N PRO A 11 -4.49 -4.14 -0.72
CA PRO A 11 -5.53 -4.45 -1.69
C PRO A 11 -4.97 -4.46 -3.11
N ASN A 12 -4.63 -3.27 -3.58
CA ASN A 12 -4.08 -3.12 -4.92
C ASN A 12 -2.59 -2.80 -4.82
N VAL A 13 -2.26 -1.96 -3.87
CA VAL A 13 -0.87 -1.56 -3.65
C VAL A 13 -0.02 -2.82 -3.48
N PRO A 14 1.33 -2.62 -3.58
CA PRO A 14 2.26 -3.71 -3.42
C PRO A 14 2.40 -4.12 -1.95
N THR A 15 2.79 -3.16 -1.14
CA THR A 15 2.96 -3.39 0.28
C THR A 15 2.56 -2.16 1.09
N ILE A 16 1.26 -2.01 1.29
CA ILE A 16 0.75 -0.88 2.05
C ILE A 16 1.31 0.41 1.45
N ARG A 17 1.76 0.31 0.21
CA ARG A 17 2.32 1.46 -0.47
C ARG A 17 3.63 1.89 0.20
N THR A 18 4.35 0.91 0.70
CA THR A 18 5.62 1.16 1.36
C THR A 18 6.78 0.70 0.48
N ALA A 19 6.53 -0.38 -0.24
CA ALA A 19 7.56 -0.93 -1.13
C ALA A 19 7.81 0.05 -2.28
N LYS A 20 6.72 0.39 -2.96
CA LYS A 20 6.81 1.31 -4.09
C LYS A 20 5.80 2.44 -3.90
N VAL A 21 6.32 3.60 -3.51
CA VAL A 21 5.46 4.76 -3.30
C VAL A 21 4.87 5.21 -4.64
N GLN A 22 3.58 5.49 -4.61
CA GLN A 22 2.89 5.93 -5.81
C GLN A 22 2.03 7.17 -5.50
N GLY A 1 5.79 6.00 2.50
CA GLY A 1 4.73 5.98 3.49
C GLY A 1 3.47 6.68 2.96
N ALA A 2 2.80 6.01 2.05
CA ALA A 2 1.58 6.55 1.46
C ALA A 2 0.38 5.83 2.05
N TYR A 3 0.52 4.52 2.21
CA TYR A 3 -0.55 3.71 2.77
C TYR A 3 -1.87 4.00 2.08
N THR A 4 -2.09 3.30 0.97
CA THR A 4 -3.32 3.48 0.20
C THR A 4 -4.49 3.81 1.14
N GLY A 5 -4.76 2.88 2.04
CA GLY A 5 -5.84 3.06 3.00
C GLY A 5 -5.86 1.93 4.02
N LEU A 6 -4.98 0.96 3.81
CA LEU A 6 -4.89 -0.18 4.70
C LEU A 6 -6.29 -0.54 5.21
N PRO A 7 -7.20 -0.82 4.24
CA PRO A 7 -8.56 -1.19 4.57
C PRO A 7 -8.64 -2.62 5.11
N ASN A 8 -7.57 -3.36 4.87
CA ASN A 8 -7.50 -4.74 5.30
C ASN A 8 -6.07 -5.26 5.13
N LYS A 9 -5.57 -5.13 3.91
CA LYS A 9 -4.22 -5.57 3.61
C LYS A 9 -3.93 -5.32 2.12
N LYS A 10 -2.71 -4.89 1.85
CA LYS A 10 -2.30 -4.62 0.48
C LYS A 10 -3.36 -5.16 -0.47
N PRO A 11 -4.34 -4.27 -0.81
CA PRO A 11 -5.41 -4.65 -1.72
C PRO A 11 -4.92 -4.70 -3.16
N ASN A 12 -4.44 -3.55 -3.63
CA ASN A 12 -3.93 -3.45 -4.98
C ASN A 12 -2.61 -2.68 -4.97
N VAL A 13 -1.79 -2.99 -3.98
CA VAL A 13 -0.49 -2.35 -3.85
C VAL A 13 0.59 -3.40 -3.63
N PRO A 14 1.86 -2.96 -3.75
CA PRO A 14 2.99 -3.85 -3.57
C PRO A 14 3.20 -4.19 -2.09
N THR A 15 3.40 -3.13 -1.30
CA THR A 15 3.60 -3.30 0.12
C THR A 15 3.08 -2.09 0.89
N ILE A 16 1.79 -2.13 1.19
CA ILE A 16 1.16 -1.05 1.92
C ILE A 16 1.57 0.29 1.29
N ARG A 17 1.71 0.28 -0.03
CA ARG A 17 2.10 1.47 -0.75
C ARG A 17 3.26 2.17 -0.04
N THR A 18 4.41 1.52 -0.05
CA THR A 18 5.59 2.07 0.59
C THR A 18 6.84 1.68 -0.19
N ALA A 19 6.83 0.45 -0.70
CA ALA A 19 7.96 -0.04 -1.47
C ALA A 19 8.01 0.65 -2.84
N LYS A 20 6.90 0.53 -3.56
CA LYS A 20 6.80 1.14 -4.87
C LYS A 20 5.50 1.96 -4.95
N VAL A 21 5.59 3.18 -4.44
CA VAL A 21 4.44 4.07 -4.44
C VAL A 21 4.10 4.46 -5.88
N GLN A 22 5.15 4.61 -6.68
CA GLN A 22 4.98 4.98 -8.08
C GLN A 22 4.42 3.80 -8.87
N GLY A 1 6.86 4.56 2.65
CA GLY A 1 5.82 5.55 2.88
C GLY A 1 4.61 4.91 3.58
N ALA A 2 3.85 4.17 2.78
CA ALA A 2 2.67 3.50 3.31
C ALA A 2 1.61 4.55 3.66
N TYR A 3 0.50 4.49 2.95
CA TYR A 3 -0.59 5.43 3.19
C TYR A 3 -1.82 5.05 2.37
N THR A 4 -1.57 4.39 1.25
CA THR A 4 -2.65 3.98 0.37
C THR A 4 -2.93 2.48 0.55
N GLY A 5 -4.21 2.15 0.51
CA GLY A 5 -4.63 0.77 0.66
C GLY A 5 -4.24 0.23 2.04
N LEU A 6 -5.15 0.41 2.99
CA LEU A 6 -4.90 -0.06 4.35
C LEU A 6 -6.24 -0.44 4.99
N PRO A 7 -7.10 -1.10 4.18
CA PRO A 7 -8.41 -1.52 4.67
C PRO A 7 -8.28 -2.75 5.58
N ASN A 8 -7.36 -3.62 5.23
CA ASN A 8 -7.13 -4.83 6.00
C ASN A 8 -5.82 -5.49 5.55
N LYS A 9 -5.54 -5.33 4.26
CA LYS A 9 -4.33 -5.90 3.69
C LYS A 9 -4.13 -5.35 2.28
N LYS A 10 -2.87 -5.10 1.96
CA LYS A 10 -2.53 -4.56 0.65
C LYS A 10 -3.55 -5.05 -0.38
N PRO A 11 -4.50 -4.13 -0.72
CA PRO A 11 -5.53 -4.45 -1.69
C PRO A 11 -4.97 -4.46 -3.11
N ASN A 12 -4.63 -3.27 -3.58
CA ASN A 12 -4.08 -3.12 -4.92
C ASN A 12 -2.59 -2.80 -4.82
N VAL A 13 -2.26 -1.96 -3.87
CA VAL A 13 -0.87 -1.56 -3.65
C VAL A 13 -0.02 -2.82 -3.48
N PRO A 14 1.33 -2.62 -3.58
CA PRO A 14 2.26 -3.71 -3.42
C PRO A 14 2.40 -4.12 -1.95
N THR A 15 2.79 -3.16 -1.14
CA THR A 15 2.96 -3.39 0.28
C THR A 15 2.56 -2.16 1.09
N ILE A 16 1.26 -2.01 1.29
CA ILE A 16 0.75 -0.88 2.05
C ILE A 16 1.31 0.41 1.45
N ARG A 17 1.76 0.31 0.21
CA ARG A 17 2.32 1.46 -0.47
C ARG A 17 3.63 1.89 0.20
N THR A 18 4.35 0.91 0.70
CA THR A 18 5.62 1.16 1.36
C THR A 18 6.78 0.70 0.48
N ALA A 19 6.53 -0.38 -0.24
CA ALA A 19 7.55 -0.93 -1.13
C ALA A 19 7.81 0.05 -2.28
N LYS A 20 6.72 0.39 -2.96
CA LYS A 20 6.81 1.31 -4.09
C LYS A 20 5.80 2.44 -3.90
N VAL A 21 6.32 3.60 -3.51
CA VAL A 21 5.46 4.76 -3.30
C VAL A 21 4.87 5.21 -4.64
N GLN A 22 3.58 5.49 -4.61
CA GLN A 22 2.88 5.94 -5.81
C GLN A 22 2.03 7.17 -5.50
N GLY A 1 5.79 6.00 2.49
CA GLY A 1 4.73 5.98 3.49
C GLY A 1 3.47 6.68 2.96
N ALA A 2 2.80 6.01 2.05
CA ALA A 2 1.58 6.55 1.46
C ALA A 2 0.38 5.83 2.05
N TYR A 3 0.52 4.52 2.21
CA TYR A 3 -0.55 3.71 2.77
C TYR A 3 -1.87 4.00 2.08
N THR A 4 -2.09 3.30 0.97
CA THR A 4 -3.32 3.48 0.20
C THR A 4 -4.49 3.81 1.14
N GLY A 5 -4.76 2.88 2.04
CA GLY A 5 -5.84 3.06 3.00
C GLY A 5 -5.86 1.93 4.02
N LEU A 6 -4.98 0.96 3.81
CA LEU A 6 -4.89 -0.18 4.70
C LEU A 6 -6.29 -0.54 5.21
N PRO A 7 -7.20 -0.82 4.24
CA PRO A 7 -8.56 -1.19 4.58
C PRO A 7 -8.64 -2.62 5.11
N ASN A 8 -7.57 -3.36 4.87
CA ASN A 8 -7.50 -4.74 5.30
C ASN A 8 -6.07 -5.26 5.13
N LYS A 9 -5.57 -5.13 3.91
CA LYS A 9 -4.22 -5.57 3.61
C LYS A 9 -3.93 -5.32 2.12
N LYS A 10 -2.71 -4.89 1.85
CA LYS A 10 -2.30 -4.62 0.48
C LYS A 10 -3.36 -5.16 -0.47
N PRO A 11 -4.34 -4.27 -0.81
CA PRO A 11 -5.41 -4.65 -1.72
C PRO A 11 -4.92 -4.70 -3.16
N ASN A 12 -4.44 -3.55 -3.63
CA ASN A 12 -3.93 -3.45 -4.98
C ASN A 12 -2.61 -2.68 -4.97
N VAL A 13 -1.79 -2.99 -3.98
CA VAL A 13 -0.49 -2.35 -3.85
C VAL A 13 0.59 -3.40 -3.63
N PRO A 14 1.86 -2.96 -3.75
CA PRO A 14 2.99 -3.85 -3.57
C PRO A 14 3.20 -4.19 -2.09
N THR A 15 3.40 -3.13 -1.30
CA THR A 15 3.60 -3.30 0.12
C THR A 15 3.08 -2.09 0.89
N ILE A 16 1.79 -2.13 1.19
CA ILE A 16 1.16 -1.05 1.92
C ILE A 16 1.57 0.29 1.29
N ARG A 17 1.71 0.28 -0.03
CA ARG A 17 2.10 1.47 -0.75
C ARG A 17 3.26 2.17 -0.04
N THR A 18 4.41 1.52 -0.05
CA THR A 18 5.59 2.06 0.58
C THR A 18 6.84 1.68 -0.19
N ALA A 19 6.83 0.45 -0.70
CA ALA A 19 7.96 -0.04 -1.47
C ALA A 19 8.00 0.65 -2.83
N LYS A 20 6.90 0.53 -3.56
CA LYS A 20 6.80 1.14 -4.87
C LYS A 20 5.50 1.96 -4.95
N VAL A 21 5.59 3.18 -4.44
CA VAL A 21 4.44 4.07 -4.44
C VAL A 21 4.11 4.46 -5.88
N GLN A 22 5.15 4.61 -6.68
CA GLN A 22 4.98 4.98 -8.08
C GLN A 22 4.42 3.80 -8.87
#